data_6U9I
#
_entry.id   6U9I
#
_cell.length_a   105.580
_cell.length_b   105.580
_cell.length_c   61.648
_cell.angle_alpha   90.000
_cell.angle_beta   90.000
_cell.angle_gamma   120.000
#
_symmetry.space_group_name_H-M   'P 32 2 1'
#
loop_
_entity.id
_entity.type
_entity.pdbx_description
1 polymer BvnE
2 non-polymer GLYCEROL
3 non-polymer DI(HYDROXYETHYL)ETHER
4 water water
#
_entity_poly.entity_id   1
_entity_poly.type   'polypeptide(L)'
_entity_poly.pdbx_seq_one_letter_code
;GASMTLNQTTGPNLREQLIVSAHRWLSTMNDFTPDAMVSHRTEECVTRPAPRSLGFAPLNNGQLRTFFKTLTAQMKNFNL
ALMPGAVPIVDERLRKVVMHLASYAEAACGLYENEYMVVLTFNEEGTLLRDVIEFADSDYCVKFAERQAAAAESTSI
;
_entity_poly.pdbx_strand_id   A,B
#
# COMPACT_ATOMS: atom_id res chain seq x y z
N GLY A 1 -1.94 42.07 -10.75
CA GLY A 1 -1.84 40.74 -10.16
C GLY A 1 -3.14 39.97 -9.98
N ALA A 2 -4.10 40.55 -9.26
CA ALA A 2 -5.32 39.82 -8.92
C ALA A 2 -6.26 39.64 -10.12
N SER A 3 -6.05 40.37 -11.22
CA SER A 3 -6.93 40.28 -12.39
C SER A 3 -6.39 39.35 -13.47
N MET A 4 -5.27 38.67 -13.24
CA MET A 4 -4.80 37.63 -14.15
C MET A 4 -5.58 36.34 -13.87
N THR A 5 -5.90 35.59 -14.93
CA THR A 5 -6.68 34.38 -14.74
C THR A 5 -5.77 33.15 -14.69
N LEU A 6 -6.19 32.16 -13.91
CA LEU A 6 -5.46 30.90 -13.80
C LEU A 6 -5.89 29.95 -14.92
N ASN A 7 -4.97 29.08 -15.31
CA ASN A 7 -5.20 28.14 -16.42
C ASN A 7 -6.42 27.24 -16.20
N ASN A 13 -3.07 24.53 -9.43
CA ASN A 13 -1.95 23.59 -9.31
C ASN A 13 -1.94 22.89 -7.96
N LEU A 14 -3.08 22.29 -7.59
CA LEU A 14 -3.14 21.54 -6.34
C LEU A 14 -2.35 20.24 -6.41
N ARG A 15 -2.35 19.58 -7.57
CA ARG A 15 -1.55 18.36 -7.71
C ARG A 15 -0.08 18.64 -7.41
N GLU A 16 0.47 19.71 -7.97
CA GLU A 16 1.88 19.99 -7.73
C GLU A 16 2.14 20.32 -6.26
N GLN A 17 1.21 21.06 -5.64
CA GLN A 17 1.35 21.35 -4.21
C GLN A 17 1.37 20.07 -3.38
N LEU A 18 0.51 19.10 -3.72
CA LEU A 18 0.48 17.86 -2.94
C LEU A 18 1.77 17.06 -3.15
N ILE A 19 2.31 17.09 -4.37
CA ILE A 19 3.57 16.40 -4.62
C ILE A 19 4.71 17.06 -3.86
N VAL A 20 4.74 18.40 -3.83
CA VAL A 20 5.74 19.12 -3.05
C VAL A 20 5.63 18.77 -1.57
N SER A 21 4.41 18.72 -1.02
CA SER A 21 4.30 18.36 0.40
C SER A 21 4.62 16.91 0.67
N ALA A 22 4.33 16.01 -0.28
CA ALA A 22 4.73 14.61 -0.09
C ALA A 22 6.25 14.48 -0.13
N HIS A 23 6.91 15.18 -1.04
CA HIS A 23 8.36 15.13 -1.05
C HIS A 23 8.96 15.80 0.18
N ARG A 24 8.30 16.84 0.70
CA ARG A 24 8.77 17.44 1.94
C ARG A 24 8.68 16.44 3.08
N TRP A 25 7.59 15.67 3.11
CA TRP A 25 7.46 14.64 4.15
C TRP A 25 8.61 13.64 4.06
N LEU A 26 8.96 13.21 2.85
CA LEU A 26 10.09 12.29 2.70
C LEU A 26 11.39 12.94 3.16
N SER A 27 11.61 14.21 2.80
CA SER A 27 12.90 14.82 3.10
C SER A 27 13.05 15.05 4.59
N THR A 28 11.96 15.41 5.29
CA THR A 28 12.07 15.59 6.73
C THR A 28 12.20 14.24 7.43
N MET A 29 11.63 13.17 6.88
CA MET A 29 11.90 11.86 7.45
C MET A 29 13.39 11.53 7.35
N ASN A 30 14.00 11.83 6.20
CA ASN A 30 15.42 11.56 6.03
C ASN A 30 16.31 12.48 6.88
N ASP A 31 15.79 13.63 7.31
CA ASP A 31 16.52 14.44 8.28
C ASP A 31 16.71 13.68 9.58
N PHE A 32 15.79 12.76 9.90
CA PHE A 32 15.98 11.75 10.95
C PHE A 32 16.29 12.40 12.30
N THR A 33 15.57 13.46 12.63
CA THR A 33 15.47 13.90 14.00
C THR A 33 14.01 13.78 14.41
N PRO A 34 13.72 13.51 15.68
CA PRO A 34 12.31 13.47 16.10
C PRO A 34 11.53 14.70 15.69
N ASP A 35 12.13 15.88 15.84
CA ASP A 35 11.43 17.10 15.47
C ASP A 35 11.09 17.13 13.98
N ALA A 36 12.06 16.76 13.14
CA ALA A 36 11.79 16.80 11.70
C ALA A 36 10.76 15.76 11.31
N MET A 37 10.78 14.61 11.96
CA MET A 37 9.92 13.49 11.60
C MET A 37 8.47 13.66 12.03
N VAL A 38 8.16 14.68 12.83
CA VAL A 38 6.77 15.01 13.13
C VAL A 38 6.41 16.41 12.65
N SER A 39 7.22 16.99 11.76
CA SER A 39 6.98 18.37 11.35
C SER A 39 5.89 18.44 10.28
N HIS A 40 5.30 19.65 10.15
CA HIS A 40 4.30 19.95 9.11
C HIS A 40 3.11 19.01 9.17
N ARG A 41 2.61 18.79 10.38
CA ARG A 41 1.42 17.99 10.63
CA ARG A 41 1.41 18.01 10.61
C ARG A 41 0.37 18.86 11.30
N THR A 42 -0.90 18.55 11.06
CA THR A 42 -1.97 19.20 11.82
C THR A 42 -1.93 18.74 13.27
N GLU A 43 -2.66 19.47 14.13
CA GLU A 43 -2.61 19.13 15.55
C GLU A 43 -3.21 17.75 15.84
N GLU A 44 -4.20 17.33 15.07
CA GLU A 44 -4.90 16.08 15.30
C GLU A 44 -4.34 14.92 14.47
N CYS A 45 -3.29 15.16 13.69
CA CYS A 45 -2.73 14.13 12.82
C CYS A 45 -2.35 12.87 13.59
N VAL A 46 -2.68 11.70 13.03
CA VAL A 46 -2.17 10.45 13.56
C VAL A 46 -1.46 9.67 12.45
N THR A 47 -0.50 8.85 12.85
CA THR A 47 0.11 7.86 11.98
C THR A 47 -0.50 6.51 12.35
N ARG A 48 -1.05 5.82 11.34
CA ARG A 48 -1.78 4.58 11.58
CA ARG A 48 -1.78 4.58 11.58
C ARG A 48 -0.99 3.42 11.00
N PRO A 49 -0.33 2.61 11.83
CA PRO A 49 0.33 1.41 11.31
C PRO A 49 -0.68 0.42 10.76
N ALA A 50 -0.28 -0.25 9.68
CA ALA A 50 -1.09 -1.29 9.04
C ALA A 50 -0.13 -2.33 8.53
N PRO A 51 -0.59 -3.57 8.28
CA PRO A 51 -1.95 -4.10 8.41
C PRO A 51 -2.38 -4.29 9.86
N ARG A 52 -3.66 -4.56 10.06
CA ARG A 52 -4.20 -4.72 11.41
C ARG A 52 -3.50 -5.83 12.19
N SER A 53 -3.00 -6.86 11.49
CA SER A 53 -2.38 -8.00 12.17
C SER A 53 -1.16 -7.60 13.00
N LEU A 54 -0.50 -6.48 12.69
CA LEU A 54 0.62 -6.04 13.51
C LEU A 54 0.16 -5.62 14.90
N GLY A 55 -1.09 -5.24 15.06
CA GLY A 55 -1.68 -4.99 16.36
C GLY A 55 -1.42 -3.62 16.94
N PHE A 56 -0.95 -2.66 16.14
CA PHE A 56 -0.60 -1.33 16.64
C PHE A 56 -1.74 -0.35 16.42
N ALA A 57 -2.08 0.41 17.46
CA ALA A 57 -3.02 1.51 17.33
C ALA A 57 -2.31 2.73 16.76
N PRO A 58 -3.08 3.71 16.27
CA PRO A 58 -2.46 4.94 15.75
C PRO A 58 -1.70 5.69 16.82
N LEU A 59 -0.75 6.49 16.37
CA LEU A 59 0.06 7.34 17.23
C LEU A 59 -0.25 8.81 16.91
N ASN A 60 -0.56 9.60 17.93
CA ASN A 60 -0.71 11.03 17.72
C ASN A 60 0.67 11.68 17.67
N ASN A 61 0.70 13.00 17.49
CA ASN A 61 1.97 13.69 17.27
C ASN A 61 2.92 13.50 18.45
N GLY A 62 2.39 13.58 19.67
CA GLY A 62 3.25 13.40 20.84
C GLY A 62 3.76 11.97 20.98
N GLN A 63 2.89 10.99 20.74
CA GLN A 63 3.33 9.60 20.79
C GLN A 63 4.37 9.30 19.72
N LEU A 64 4.16 9.85 18.51
CA LEU A 64 5.08 9.61 17.41
C LEU A 64 6.44 10.23 17.69
N ARG A 65 6.47 11.45 18.24
CA ARG A 65 7.74 12.06 18.60
C ARG A 65 8.49 11.17 19.60
N THR A 66 7.80 10.68 20.62
CA THR A 66 8.44 9.80 21.60
C THR A 66 8.97 8.53 20.94
N PHE A 67 8.18 7.94 20.04
CA PHE A 67 8.66 6.76 19.32
C PHE A 67 9.94 7.08 18.56
N PHE A 68 9.97 8.22 17.87
CA PHE A 68 11.13 8.54 17.04
C PHE A 68 12.37 8.84 17.87
N LYS A 69 12.20 9.34 19.11
CA LYS A 69 13.35 9.50 19.98
C LYS A 69 14.04 8.15 20.22
N THR A 70 13.25 7.09 20.35
CA THR A 70 13.80 5.75 20.47
C THR A 70 14.45 5.30 19.17
N LEU A 71 13.73 5.46 18.06
CA LEU A 71 14.22 4.97 16.78
C LEU A 71 15.52 5.67 16.36
N THR A 72 15.56 7.01 16.51
CA THR A 72 16.75 7.74 16.11
C THR A 72 17.94 7.47 17.04
N ALA A 73 17.70 6.90 18.22
CA ALA A 73 18.80 6.51 19.10
C ALA A 73 19.32 5.11 18.77
N GLN A 74 18.55 4.29 18.07
CA GLN A 74 18.94 2.90 17.82
C GLN A 74 19.35 2.60 16.38
N MET A 75 19.19 3.56 15.47
CA MET A 75 19.50 3.32 14.07
C MET A 75 20.32 4.47 13.51
N LYS A 76 21.14 4.14 12.51
CA LYS A 76 22.01 5.09 11.84
C LYS A 76 21.80 4.99 10.34
N ASN A 77 22.17 6.06 9.63
CA ASN A 77 22.17 6.08 8.17
C ASN A 77 20.80 5.71 7.60
N PHE A 78 19.77 6.27 8.21
CA PHE A 78 18.39 6.04 7.78
C PHE A 78 18.15 6.65 6.40
N ASN A 79 17.44 5.92 5.55
CA ASN A 79 16.98 6.48 4.30
C ASN A 79 15.60 5.95 3.99
N LEU A 80 14.71 6.85 3.57
CA LEU A 80 13.36 6.51 3.12
C LEU A 80 13.19 7.10 1.73
N ALA A 81 12.73 6.29 0.79
CA ALA A 81 12.72 6.76 -0.60
C ALA A 81 11.67 5.98 -1.37
N LEU A 82 11.22 6.58 -2.47
CA LEU A 82 10.37 5.86 -3.41
C LEU A 82 11.06 4.58 -3.86
N MET A 83 10.29 3.49 -3.95
CA MET A 83 10.79 2.23 -4.50
C MET A 83 11.34 2.47 -5.89
N PRO A 84 12.26 1.62 -6.35
CA PRO A 84 12.76 1.76 -7.73
C PRO A 84 11.62 1.83 -8.73
N GLY A 85 11.54 2.92 -9.48
CA GLY A 85 10.51 3.08 -10.48
C GLY A 85 9.17 3.59 -9.99
N ALA A 86 8.97 3.76 -8.68
CA ALA A 86 7.68 4.22 -8.18
C ALA A 86 7.61 5.74 -8.17
N VAL A 87 6.40 6.28 -8.37
CA VAL A 87 6.18 7.72 -8.28
C VAL A 87 4.97 7.98 -7.40
N PRO A 88 4.83 9.20 -6.89
CA PRO A 88 3.65 9.51 -6.07
C PRO A 88 2.37 9.45 -6.89
N ILE A 89 1.32 8.89 -6.27
CA ILE A 89 0.00 8.80 -6.85
C ILE A 89 -0.86 9.81 -6.13
N VAL A 90 -1.48 10.74 -6.86
CA VAL A 90 -2.08 11.92 -6.26
C VAL A 90 -3.58 11.97 -6.57
N ASP A 91 -4.41 12.01 -5.52
CA ASP A 91 -5.84 12.27 -5.64
C ASP A 91 -6.09 13.69 -5.15
N GLU A 92 -6.16 14.64 -6.10
CA GLU A 92 -6.34 16.05 -5.74
C GLU A 92 -7.63 16.27 -4.96
N ARG A 93 -8.71 15.59 -5.35
CA ARG A 93 -9.99 15.81 -4.71
C ARG A 93 -9.96 15.44 -3.24
N LEU A 94 -9.33 14.31 -2.91
CA LEU A 94 -9.24 13.82 -1.55
C LEU A 94 -8.02 14.34 -0.79
N ARG A 95 -7.14 15.11 -1.45
CA ARG A 95 -5.90 15.60 -0.85
C ARG A 95 -5.03 14.45 -0.37
N LYS A 96 -4.99 13.36 -1.15
CA LYS A 96 -4.23 12.19 -0.75
C LYS A 96 -3.08 11.95 -1.72
N VAL A 97 -1.97 11.45 -1.16
CA VAL A 97 -0.81 11.02 -1.97
C VAL A 97 -0.41 9.63 -1.49
N VAL A 98 -0.32 8.68 -2.43
CA VAL A 98 0.08 7.31 -2.12
C VAL A 98 1.49 7.08 -2.65
N MET A 99 2.35 6.46 -1.83
CA MET A 99 3.73 6.21 -2.22
C MET A 99 4.18 4.82 -1.81
N HIS A 100 4.80 4.12 -2.75
CA HIS A 100 5.42 2.83 -2.52
C HIS A 100 6.88 3.10 -2.15
N LEU A 101 7.27 2.77 -0.91
CA LEU A 101 8.53 3.24 -0.34
C LEU A 101 9.40 2.09 0.14
N ALA A 102 10.71 2.33 0.11
CA ALA A 102 11.70 1.46 0.72
C ALA A 102 12.41 2.22 1.82
N SER A 103 12.64 1.55 2.95
CA SER A 103 13.43 2.12 4.03
C SER A 103 14.75 1.36 4.16
N TYR A 104 15.77 2.07 4.62
CA TYR A 104 17.06 1.47 4.91
C TYR A 104 17.61 2.11 6.18
N ALA A 105 18.17 1.29 7.06
CA ALA A 105 18.87 1.83 8.22
C ALA A 105 19.84 0.77 8.73
N GLU A 106 20.70 1.20 9.64
CA GLU A 106 21.72 0.34 10.22
C GLU A 106 21.47 0.28 11.72
N ALA A 107 21.27 -0.93 12.22
CA ALA A 107 20.95 -1.16 13.62
C ALA A 107 22.01 -2.07 14.24
N ALA A 108 21.89 -2.32 15.55
CA ALA A 108 22.85 -3.21 16.20
C ALA A 108 22.78 -4.62 15.62
N CYS A 109 21.57 -5.10 15.34
CA CYS A 109 21.40 -6.43 14.78
C CYS A 109 21.70 -6.51 13.29
N GLY A 110 22.15 -5.42 12.67
CA GLY A 110 22.46 -5.41 11.26
C GLY A 110 21.55 -4.45 10.50
N LEU A 111 21.31 -4.77 9.23
CA LEU A 111 20.54 -3.91 8.35
C LEU A 111 19.05 -3.98 8.63
N TYR A 112 18.39 -2.84 8.51
CA TYR A 112 16.94 -2.74 8.51
C TYR A 112 16.51 -2.32 7.11
N GLU A 113 15.77 -3.18 6.41
CA GLU A 113 15.42 -2.92 5.00
C GLU A 113 13.95 -3.29 4.81
N ASN A 114 13.07 -2.31 5.00
CA ASN A 114 11.64 -2.56 4.94
C ASN A 114 11.03 -1.93 3.69
N GLU A 115 9.75 -2.21 3.50
CA GLU A 115 9.00 -1.78 2.32
C GLU A 115 7.59 -1.43 2.76
N TYR A 116 7.04 -0.34 2.23
CA TYR A 116 5.75 0.16 2.69
C TYR A 116 4.93 0.67 1.53
N MET A 117 3.61 0.63 1.71
CA MET A 117 2.69 1.45 0.96
C MET A 117 2.10 2.47 1.92
N VAL A 118 2.34 3.75 1.66
CA VAL A 118 1.93 4.84 2.55
CA VAL A 118 1.93 4.83 2.56
C VAL A 118 0.84 5.65 1.87
N VAL A 119 -0.18 6.04 2.66
CA VAL A 119 -1.23 6.95 2.20
C VAL A 119 -1.17 8.19 3.06
N LEU A 120 -0.71 9.30 2.48
CA LEU A 120 -0.72 10.60 3.14
C LEU A 120 -2.03 11.32 2.80
N THR A 121 -2.69 11.88 3.81
CA THR A 121 -3.78 12.80 3.58
C THR A 121 -3.38 14.17 4.10
N PHE A 122 -3.60 15.21 3.30
CA PHE A 122 -3.26 16.56 3.69
C PHE A 122 -4.54 17.35 4.00
N ASN A 123 -4.34 18.49 4.66
CA ASN A 123 -5.45 19.41 4.87
C ASN A 123 -5.90 19.99 3.52
N GLU A 124 -6.98 20.79 3.56
CA GLU A 124 -7.60 21.26 2.32
C GLU A 124 -6.62 22.05 1.48
N GLU A 125 -5.74 22.83 2.12
CA GLU A 125 -4.78 23.64 1.39
C GLU A 125 -3.61 22.80 0.85
N GLY A 126 -3.51 21.54 1.27
CA GLY A 126 -2.41 20.70 0.85
C GLY A 126 -1.07 21.02 1.46
N THR A 127 -1.05 21.71 2.60
CA THR A 127 0.17 22.24 3.20
C THR A 127 0.53 21.62 4.53
N LEU A 128 -0.37 20.84 5.13
CA LEU A 128 -0.10 20.15 6.38
C LEU A 128 -0.64 18.73 6.28
N LEU A 129 0.14 17.78 6.78
CA LEU A 129 -0.27 16.39 6.83
C LEU A 129 -1.30 16.17 7.95
N ARG A 130 -2.45 15.59 7.61
CA ARG A 130 -3.48 15.35 8.61
C ARG A 130 -3.72 13.87 8.91
N ASP A 131 -3.15 12.96 8.12
CA ASP A 131 -3.31 11.54 8.38
C ASP A 131 -2.24 10.80 7.58
N VAL A 132 -1.70 9.73 8.18
CA VAL A 132 -0.79 8.82 7.48
C VAL A 132 -1.22 7.40 7.78
N ILE A 133 -1.43 6.59 6.74
CA ILE A 133 -1.48 5.14 6.90
C ILE A 133 -0.15 4.59 6.42
N GLU A 134 0.50 3.79 7.25
CA GLU A 134 1.78 3.18 6.91
CA GLU A 134 1.79 3.18 6.90
C GLU A 134 1.59 1.68 6.85
N PHE A 135 1.39 1.14 5.64
CA PHE A 135 1.16 -0.29 5.44
C PHE A 135 2.52 -0.95 5.20
N ALA A 136 3.04 -1.65 6.21
CA ALA A 136 4.38 -2.20 6.19
C ALA A 136 4.39 -3.64 5.68
N ASP A 137 5.59 -4.09 5.29
CA ASP A 137 5.91 -5.51 5.11
C ASP A 137 5.88 -6.15 6.49
N SER A 138 4.77 -6.80 6.84
CA SER A 138 4.59 -7.25 8.21
C SER A 138 5.51 -8.41 8.55
N ASP A 139 5.75 -9.32 7.59
CA ASP A 139 6.71 -10.39 7.84
C ASP A 139 8.07 -9.82 8.20
N TYR A 140 8.50 -8.78 7.48
CA TYR A 140 9.78 -8.19 7.81
C TYR A 140 9.75 -7.55 9.19
N CYS A 141 8.62 -6.91 9.53
CA CYS A 141 8.45 -6.29 10.84
C CYS A 141 8.64 -7.30 11.96
N VAL A 142 7.97 -8.46 11.81
CA VAL A 142 8.03 -9.51 12.83
C VAL A 142 9.42 -10.10 12.90
N LYS A 143 10.02 -10.38 11.75
CA LYS A 143 11.36 -10.93 11.73
C LYS A 143 12.37 -9.96 12.31
N PHE A 144 12.21 -8.67 12.04
CA PHE A 144 13.15 -7.69 12.59
C PHE A 144 13.01 -7.59 14.11
N ALA A 145 11.78 -7.72 14.63
CA ALA A 145 11.61 -7.76 16.08
C ALA A 145 12.34 -8.96 16.69
N GLU A 146 12.23 -10.13 16.03
CA GLU A 146 12.98 -11.30 16.47
C GLU A 146 14.48 -11.03 16.45
N ARG A 147 15.01 -10.51 15.34
CA ARG A 147 16.44 -10.25 15.23
C ARG A 147 16.93 -9.29 16.31
N GLN A 148 16.09 -8.34 16.70
CA GLN A 148 16.44 -7.37 17.70
C GLN A 148 16.44 -8.01 19.07
N ALA A 149 15.43 -8.81 19.37
CA ALA A 149 15.36 -9.52 20.64
C ALA A 149 16.59 -10.41 20.85
N ALA A 150 17.00 -11.12 19.79
CA ALA A 150 18.16 -11.99 19.91
C ALA A 150 19.43 -11.22 20.25
N ALA A 151 19.53 -9.98 19.80
CA ALA A 151 20.70 -9.15 20.10
C ALA A 151 20.51 -8.43 21.44
N ASN B 13 -16.91 11.53 -17.57
CA ASN B 13 -16.00 11.99 -16.52
C ASN B 13 -15.00 10.91 -16.15
N LEU B 14 -13.71 11.27 -16.19
CA LEU B 14 -12.66 10.28 -16.02
C LEU B 14 -12.66 9.70 -14.60
N ARG B 15 -12.88 10.52 -13.58
CA ARG B 15 -12.86 9.99 -12.23
C ARG B 15 -13.94 8.92 -12.04
N GLU B 16 -15.15 9.18 -12.54
CA GLU B 16 -16.24 8.21 -12.40
C GLU B 16 -15.91 6.92 -13.14
N GLN B 17 -15.35 7.03 -14.34
CA GLN B 17 -15.00 5.85 -15.13
C GLN B 17 -13.97 4.98 -14.42
N LEU B 18 -12.93 5.61 -13.86
CA LEU B 18 -11.92 4.87 -13.13
C LEU B 18 -12.52 4.15 -11.92
N ILE B 19 -13.44 4.81 -11.22
CA ILE B 19 -14.08 4.16 -10.08
C ILE B 19 -14.95 2.99 -10.54
N VAL B 20 -15.70 3.19 -11.63
CA VAL B 20 -16.50 2.09 -12.19
C VAL B 20 -15.59 0.90 -12.54
N SER B 21 -14.47 1.18 -13.21
CA SER B 21 -13.56 0.10 -13.60
C SER B 21 -12.89 -0.54 -12.40
N ALA B 22 -12.64 0.22 -11.33
CA ALA B 22 -12.06 -0.38 -10.14
C ALA B 22 -13.07 -1.30 -9.46
N HIS B 23 -14.33 -0.89 -9.39
CA HIS B 23 -15.34 -1.79 -8.82
C HIS B 23 -15.57 -3.00 -9.72
N ARG B 24 -15.48 -2.82 -11.03
CA ARG B 24 -15.60 -3.96 -11.94
CA ARG B 24 -15.60 -3.96 -11.94
C ARG B 24 -14.47 -4.95 -11.70
N TRP B 25 -13.24 -4.47 -11.55
CA TRP B 25 -12.13 -5.36 -11.24
C TRP B 25 -12.41 -6.14 -9.96
N LEU B 26 -12.86 -5.45 -8.92
CA LEU B 26 -13.24 -6.13 -7.68
C LEU B 26 -14.27 -7.22 -7.97
N SER B 27 -15.26 -6.90 -8.80
CA SER B 27 -16.30 -7.86 -9.15
C SER B 27 -15.71 -9.08 -9.87
N THR B 28 -14.74 -8.86 -10.77
CA THR B 28 -14.19 -9.99 -11.50
C THR B 28 -13.33 -10.88 -10.61
N MET B 29 -12.69 -10.30 -9.59
CA MET B 29 -11.97 -11.16 -8.65
C MET B 29 -12.95 -12.00 -7.85
N ASN B 30 -14.09 -11.41 -7.49
CA ASN B 30 -15.08 -12.16 -6.74
C ASN B 30 -15.81 -13.19 -7.60
N ASP B 31 -15.88 -12.98 -8.92
CA ASP B 31 -16.39 -14.06 -9.78
C ASP B 31 -15.61 -15.34 -9.55
N PHE B 32 -14.29 -15.22 -9.35
CA PHE B 32 -13.43 -16.32 -8.92
C PHE B 32 -13.45 -17.49 -9.90
N THR B 33 -13.52 -17.18 -11.18
CA THR B 33 -13.11 -18.13 -12.21
C THR B 33 -11.88 -17.60 -12.94
N PRO B 34 -11.01 -18.48 -13.45
CA PRO B 34 -9.78 -17.98 -14.11
C PRO B 34 -10.06 -17.02 -15.24
N ASP B 35 -11.06 -17.32 -16.10
CA ASP B 35 -11.37 -16.41 -17.20
C ASP B 35 -11.87 -15.07 -16.68
N ALA B 36 -12.77 -15.07 -15.70
CA ALA B 36 -13.29 -13.80 -15.20
C ALA B 36 -12.19 -12.99 -14.53
N MET B 37 -11.31 -13.65 -13.79
CA MET B 37 -10.30 -12.93 -13.03
C MET B 37 -9.24 -12.27 -13.91
N VAL B 38 -9.13 -12.67 -15.18
CA VAL B 38 -8.20 -11.99 -16.09
C VAL B 38 -8.95 -11.20 -17.14
N SER B 39 -10.25 -10.98 -16.96
CA SER B 39 -11.02 -10.23 -17.93
C SER B 39 -10.81 -8.73 -17.77
N HIS B 40 -11.15 -7.99 -18.83
CA HIS B 40 -11.10 -6.53 -18.85
C HIS B 40 -9.69 -6.01 -18.57
N ARG B 41 -8.69 -6.68 -19.14
CA ARG B 41 -7.31 -6.25 -19.02
C ARG B 41 -6.75 -5.94 -20.40
N THR B 42 -5.72 -5.10 -20.43
CA THR B 42 -5.00 -4.92 -21.69
C THR B 42 -4.14 -6.15 -21.97
N GLU B 43 -3.68 -6.23 -23.22
CA GLU B 43 -2.86 -7.37 -23.64
C GLU B 43 -1.58 -7.48 -22.82
N GLU B 44 -0.99 -6.34 -22.47
CA GLU B 44 0.31 -6.34 -21.79
C GLU B 44 0.18 -6.13 -20.28
N CYS B 45 -1.01 -6.39 -19.71
CA CYS B 45 -1.24 -6.11 -18.30
C CYS B 45 -0.34 -6.97 -17.43
N VAL B 46 0.15 -6.40 -16.31
CA VAL B 46 1.04 -7.10 -15.40
C VAL B 46 0.47 -7.01 -14.00
N THR B 47 0.45 -8.15 -13.30
CA THR B 47 0.08 -8.20 -11.90
C THR B 47 1.35 -8.39 -11.08
N ARG B 48 1.55 -7.52 -10.09
CA ARG B 48 2.80 -7.51 -9.32
C ARG B 48 2.52 -7.74 -7.84
N PRO B 49 2.67 -8.96 -7.35
CA PRO B 49 2.54 -9.18 -5.91
C PRO B 49 3.64 -8.47 -5.15
N ALA B 50 3.32 -8.03 -3.94
CA ALA B 50 4.24 -7.28 -3.09
C ALA B 50 3.87 -7.62 -1.66
N PRO B 51 4.77 -7.38 -0.69
CA PRO B 51 6.13 -6.80 -0.79
C PRO B 51 7.13 -7.74 -1.45
N ARG B 52 8.30 -7.19 -1.75
CA ARG B 52 9.31 -7.97 -2.46
C ARG B 52 9.77 -9.18 -1.65
N SER B 53 9.73 -9.09 -0.32
CA SER B 53 10.23 -10.19 0.51
C SER B 53 9.45 -11.48 0.33
N LEU B 54 8.22 -11.40 -0.20
CA LEU B 54 7.46 -12.63 -0.47
C LEU B 54 8.09 -13.44 -1.58
N GLY B 55 8.82 -12.79 -2.49
CA GLY B 55 9.50 -13.48 -3.57
C GLY B 55 8.59 -13.97 -4.69
N PHE B 56 7.42 -13.37 -4.86
CA PHE B 56 6.50 -13.75 -5.93
C PHE B 56 6.75 -12.88 -7.15
N ALA B 57 6.98 -13.52 -8.30
CA ALA B 57 7.30 -12.82 -9.54
C ALA B 57 6.05 -12.20 -10.14
N PRO B 58 6.20 -11.13 -10.93
CA PRO B 58 5.05 -10.56 -11.64
C PRO B 58 4.51 -11.54 -12.67
N LEU B 59 3.27 -11.30 -13.08
CA LEU B 59 2.54 -12.24 -13.95
C LEU B 59 1.88 -11.48 -15.10
N ASN B 60 2.12 -11.93 -16.32
CA ASN B 60 1.27 -11.47 -17.40
C ASN B 60 -0.09 -12.19 -17.29
N ASN B 61 -1.00 -11.88 -18.22
CA ASN B 61 -2.36 -12.42 -18.15
C ASN B 61 -2.36 -13.94 -18.24
N GLY B 62 -1.50 -14.52 -19.07
CA GLY B 62 -1.46 -15.97 -19.20
C GLY B 62 -0.85 -16.64 -17.98
N GLN B 63 0.26 -16.09 -17.48
CA GLN B 63 0.83 -16.59 -16.23
C GLN B 63 -0.17 -16.46 -15.10
N LEU B 64 -0.89 -15.34 -15.05
CA LEU B 64 -1.88 -15.14 -14.00
C LEU B 64 -3.03 -16.14 -14.13
N ARG B 65 -3.56 -16.31 -15.35
CA ARG B 65 -4.66 -17.23 -15.55
C ARG B 65 -4.27 -18.64 -15.15
N THR B 66 -3.05 -19.07 -15.48
CA THR B 66 -2.59 -20.40 -15.09
C THR B 66 -2.52 -20.54 -13.58
N PHE B 67 -2.04 -19.50 -12.91
CA PHE B 67 -2.01 -19.52 -11.45
C PHE B 67 -3.41 -19.63 -10.88
N PHE B 68 -4.35 -18.87 -11.44
CA PHE B 68 -5.72 -18.89 -10.91
C PHE B 68 -6.41 -20.22 -11.15
N LYS B 69 -6.03 -20.94 -12.23
CA LYS B 69 -6.60 -22.26 -12.45
C LYS B 69 -6.39 -23.17 -11.25
N THR B 70 -5.20 -23.12 -10.66
CA THR B 70 -4.97 -23.94 -9.47
C THR B 70 -5.52 -23.27 -8.22
N LEU B 71 -5.39 -21.94 -8.12
CA LEU B 71 -5.94 -21.24 -6.96
C LEU B 71 -7.44 -21.50 -6.80
N THR B 72 -8.21 -21.34 -7.87
CA THR B 72 -9.65 -21.54 -7.79
C THR B 72 -10.06 -23.00 -7.60
N ALA B 73 -9.13 -23.93 -7.73
CA ALA B 73 -9.40 -25.33 -7.40
C ALA B 73 -9.07 -25.65 -5.95
N GLN B 74 -8.20 -24.87 -5.31
CA GLN B 74 -7.79 -25.13 -3.94
C GLN B 74 -8.48 -24.24 -2.92
N MET B 75 -9.07 -23.12 -3.34
CA MET B 75 -9.79 -22.20 -2.47
C MET B 75 -11.23 -22.05 -2.92
N LYS B 76 -12.13 -21.83 -1.97
CA LYS B 76 -13.54 -21.64 -2.29
C LYS B 76 -14.08 -20.39 -1.61
N ASN B 77 -15.12 -19.82 -2.23
CA ASN B 77 -15.91 -18.73 -1.65
C ASN B 77 -15.03 -17.52 -1.35
N PHE B 78 -14.06 -17.29 -2.24
CA PHE B 78 -13.23 -16.11 -2.18
C PHE B 78 -14.08 -14.84 -2.21
N ASN B 79 -13.74 -13.89 -1.34
CA ASN B 79 -14.38 -12.58 -1.35
C ASN B 79 -13.35 -11.50 -1.09
N LEU B 80 -13.43 -10.44 -1.90
CA LEU B 80 -12.59 -9.26 -1.77
C LEU B 80 -13.48 -8.06 -1.55
N ALA B 81 -13.18 -7.26 -0.53
CA ALA B 81 -14.02 -6.11 -0.23
C ALA B 81 -13.18 -4.96 0.33
N LEU B 82 -13.66 -3.74 0.10
CA LEU B 82 -13.06 -2.57 0.72
C LEU B 82 -13.08 -2.70 2.24
N MET B 83 -11.97 -2.29 2.87
CA MET B 83 -11.91 -2.23 4.33
C MET B 83 -12.93 -1.21 4.84
N PRO B 84 -13.36 -1.32 6.10
CA PRO B 84 -14.33 -0.36 6.64
C PRO B 84 -13.79 1.06 6.57
N GLY B 85 -14.59 1.94 5.98
CA GLY B 85 -14.20 3.33 5.79
C GLY B 85 -13.31 3.59 4.60
N ALA B 86 -12.80 2.56 3.96
CA ALA B 86 -11.90 2.75 2.81
C ALA B 86 -12.68 3.22 1.59
N VAL B 87 -12.05 4.07 0.80
CA VAL B 87 -12.65 4.58 -0.44
C VAL B 87 -11.64 4.42 -1.56
N PRO B 88 -12.10 4.45 -2.81
CA PRO B 88 -11.16 4.48 -3.94
C PRO B 88 -10.44 5.83 -3.99
N ILE B 89 -9.11 5.77 -3.97
CA ILE B 89 -8.25 6.94 -4.15
C ILE B 89 -7.92 6.98 -5.63
N VAL B 90 -8.22 8.10 -6.30
CA VAL B 90 -8.18 8.17 -7.76
C VAL B 90 -7.20 9.24 -8.19
N ASP B 91 -6.21 8.85 -9.00
CA ASP B 91 -5.33 9.76 -9.69
C ASP B 91 -5.75 9.76 -11.15
N GLU B 92 -6.50 10.78 -11.56
CA GLU B 92 -7.01 10.84 -12.94
C GLU B 92 -5.88 10.98 -13.94
N ARG B 93 -4.84 11.74 -13.60
CA ARG B 93 -3.75 11.95 -14.56
C ARG B 93 -3.03 10.65 -14.87
N LEU B 94 -2.77 9.83 -13.85
CA LEU B 94 -2.04 8.59 -14.02
C LEU B 94 -2.97 7.40 -14.28
N ARG B 95 -4.29 7.63 -14.25
CA ARG B 95 -5.29 6.57 -14.40
C ARG B 95 -5.09 5.46 -13.37
N LYS B 96 -4.86 5.85 -12.11
CA LYS B 96 -4.59 4.89 -11.06
C LYS B 96 -5.68 4.96 -10.00
N VAL B 97 -5.99 3.81 -9.40
CA VAL B 97 -6.94 3.73 -8.30
C VAL B 97 -6.30 2.90 -7.20
N VAL B 98 -6.28 3.42 -5.97
CA VAL B 98 -5.70 2.72 -4.83
C VAL B 98 -6.84 2.32 -3.92
N MET B 99 -6.83 1.08 -3.44
CA MET B 99 -7.87 0.61 -2.54
C MET B 99 -7.27 -0.23 -1.43
N HIS B 100 -7.82 -0.07 -0.23
CA HIS B 100 -7.45 -0.83 0.97
C HIS B 100 -8.50 -1.93 1.14
N LEU B 101 -8.08 -3.19 1.02
CA LEU B 101 -9.02 -4.30 0.88
C LEU B 101 -8.77 -5.39 1.90
N ALA B 102 -9.83 -6.17 2.16
CA ALA B 102 -9.76 -7.39 2.95
C ALA B 102 -10.20 -8.57 2.09
N SER B 103 -9.55 -9.70 2.28
CA SER B 103 -9.91 -10.92 1.58
C SER B 103 -10.36 -11.99 2.56
N TYR B 104 -11.18 -12.89 2.05
CA TYR B 104 -11.63 -14.05 2.80
C TYR B 104 -11.71 -15.21 1.82
N ALA B 105 -11.29 -16.39 2.26
CA ALA B 105 -11.56 -17.58 1.47
C ALA B 105 -11.52 -18.81 2.37
N GLU B 106 -11.95 -19.94 1.81
CA GLU B 106 -11.98 -21.21 2.52
C GLU B 106 -10.98 -22.15 1.85
N ALA B 107 -10.06 -22.67 2.64
CA ALA B 107 -9.01 -23.56 2.16
C ALA B 107 -9.13 -24.91 2.85
N ALA B 108 -8.32 -25.86 2.39
CA ALA B 108 -8.28 -27.17 3.01
C ALA B 108 -7.97 -27.06 4.50
N CYS B 109 -7.02 -26.19 4.87
CA CYS B 109 -6.60 -26.04 6.26
C CYS B 109 -7.37 -24.94 6.99
N GLY B 110 -8.61 -24.66 6.58
CA GLY B 110 -9.46 -23.74 7.31
C GLY B 110 -9.74 -22.44 6.59
N LEU B 111 -9.70 -21.33 7.31
CA LEU B 111 -10.05 -20.03 6.74
C LEU B 111 -8.79 -19.25 6.34
N TYR B 112 -8.96 -18.43 5.31
CA TYR B 112 -7.93 -17.51 4.84
C TYR B 112 -8.49 -16.10 4.95
N GLU B 113 -7.78 -15.24 5.68
CA GLU B 113 -8.21 -13.85 5.84
C GLU B 113 -6.98 -12.96 5.73
N ASN B 114 -6.97 -12.06 4.75
CA ASN B 114 -5.80 -11.21 4.58
C ASN B 114 -6.24 -9.77 4.33
N GLU B 115 -5.24 -8.88 4.27
CA GLU B 115 -5.45 -7.45 4.13
C GLU B 115 -4.45 -6.95 3.09
N TYR B 116 -4.87 -5.97 2.28
CA TYR B 116 -4.08 -5.53 1.13
C TYR B 116 -4.19 -4.04 0.91
N MET B 117 -3.13 -3.47 0.36
CA MET B 117 -3.19 -2.19 -0.32
C MET B 117 -2.96 -2.51 -1.79
N VAL B 118 -3.89 -2.11 -2.65
CA VAL B 118 -3.85 -2.45 -4.06
CA VAL B 118 -3.82 -2.45 -4.07
C VAL B 118 -3.75 -1.18 -4.89
N VAL B 119 -2.86 -1.18 -5.90
CA VAL B 119 -2.75 -0.08 -6.85
C VAL B 119 -3.15 -0.61 -8.22
N LEU B 120 -4.25 -0.10 -8.76
CA LEU B 120 -4.70 -0.45 -10.11
C LEU B 120 -4.31 0.67 -11.06
N THR B 121 -3.75 0.31 -12.21
CA THR B 121 -3.48 1.30 -13.25
C THR B 121 -4.26 0.89 -14.50
N PHE B 122 -4.95 1.85 -15.10
CA PHE B 122 -5.79 1.59 -16.26
C PHE B 122 -5.19 2.23 -17.51
N ASN B 123 -5.73 1.82 -18.66
CA ASN B 123 -5.37 2.48 -19.91
C ASN B 123 -5.87 3.93 -19.88
N GLU B 124 -5.58 4.68 -20.93
CA GLU B 124 -5.86 6.11 -20.88
C GLU B 124 -7.36 6.41 -20.87
N GLU B 125 -8.17 5.52 -21.46
CA GLU B 125 -9.62 5.68 -21.41
C GLU B 125 -10.20 5.32 -20.05
N GLY B 126 -9.42 4.65 -19.21
CA GLY B 126 -9.90 4.19 -17.92
C GLY B 126 -10.80 2.99 -17.97
N THR B 127 -10.74 2.18 -19.04
CA THR B 127 -11.68 1.10 -19.24
C THR B 127 -11.07 -0.30 -19.21
N LEU B 128 -9.74 -0.42 -19.24
CA LEU B 128 -9.06 -1.70 -19.18
C LEU B 128 -7.87 -1.60 -18.23
N LEU B 129 -7.68 -2.65 -17.43
CA LEU B 129 -6.62 -2.70 -16.44
C LEU B 129 -5.30 -3.07 -17.10
N ARG B 130 -4.23 -2.31 -16.80
CA ARG B 130 -2.93 -2.61 -17.37
CA ARG B 130 -2.92 -2.57 -17.37
C ARG B 130 -1.85 -2.85 -16.33
N ASP B 131 -2.10 -2.60 -15.05
CA ASP B 131 -1.11 -2.94 -14.03
C ASP B 131 -1.83 -3.09 -12.69
N VAL B 132 -1.40 -4.07 -11.89
CA VAL B 132 -1.88 -4.25 -10.53
C VAL B 132 -0.67 -4.44 -9.62
N ILE B 133 -0.59 -3.64 -8.57
CA ILE B 133 0.27 -3.95 -7.43
C ILE B 133 -0.63 -4.46 -6.32
N GLU B 134 -0.36 -5.67 -5.86
CA GLU B 134 -1.16 -6.32 -4.83
C GLU B 134 -0.24 -6.47 -3.61
N PHE B 135 -0.30 -5.48 -2.70
CA PHE B 135 0.58 -5.43 -1.53
C PHE B 135 -0.16 -6.10 -0.37
N ALA B 136 0.22 -7.34 -0.07
CA ALA B 136 -0.45 -8.17 0.94
C ALA B 136 0.19 -8.01 2.31
N ASP B 137 -0.54 -8.44 3.33
CA ASP B 137 0.01 -8.64 4.67
C ASP B 137 0.93 -9.86 4.59
N SER B 138 2.24 -9.63 4.57
CA SER B 138 3.17 -10.70 4.24
C SER B 138 3.32 -11.67 5.41
N ASP B 139 3.23 -11.18 6.65
CA ASP B 139 3.22 -12.09 7.81
C ASP B 139 2.14 -13.14 7.66
N TYR B 140 0.96 -12.74 7.19
CA TYR B 140 -0.13 -13.70 7.04
C TYR B 140 0.14 -14.68 5.91
N CYS B 141 0.68 -14.20 4.78
CA CYS B 141 1.08 -15.11 3.71
C CYS B 141 2.05 -16.17 4.22
N VAL B 142 3.05 -15.74 4.98
CA VAL B 142 4.05 -16.69 5.49
C VAL B 142 3.38 -17.70 6.43
N LYS B 143 2.51 -17.22 7.31
CA LYS B 143 1.83 -18.12 8.24
C LYS B 143 0.94 -19.10 7.50
N PHE B 144 0.25 -18.64 6.46
CA PHE B 144 -0.61 -19.53 5.68
C PHE B 144 0.21 -20.61 4.99
N ALA B 145 1.39 -20.26 4.47
CA ALA B 145 2.23 -21.29 3.86
C ALA B 145 2.69 -22.31 4.90
N GLU B 146 2.94 -21.87 6.14
CA GLU B 146 3.22 -22.81 7.21
C GLU B 146 2.04 -23.73 7.46
N ARG B 147 0.82 -23.19 7.40
CA ARG B 147 -0.37 -24.01 7.59
C ARG B 147 -0.51 -25.03 6.47
N GLN B 148 -0.30 -24.62 5.22
CA GLN B 148 -0.37 -25.55 4.10
C GLN B 148 0.68 -26.65 4.24
N ALA B 149 1.90 -26.29 4.61
CA ALA B 149 2.94 -27.29 4.81
C ALA B 149 2.58 -28.24 5.95
N ALA B 150 1.94 -27.72 7.00
CA ALA B 150 1.51 -28.58 8.10
C ALA B 150 0.51 -29.63 7.62
N ALA B 151 -0.42 -29.23 6.75
CA ALA B 151 -1.36 -30.19 6.19
C ALA B 151 -0.70 -31.18 5.24
N ALA B 152 0.47 -30.84 4.70
CA ALA B 152 1.12 -31.70 3.71
C ALA B 152 1.67 -32.99 4.34
N GLU B 153 1.84 -33.04 5.66
CA GLU B 153 2.27 -34.26 6.31
C GLU B 153 1.39 -34.57 7.52
#